data_4KS7
#
_entry.id   4KS7
#
_cell.length_a   48.573
_cell.length_b   59.709
_cell.length_c   100.541
_cell.angle_alpha   90.00
_cell.angle_beta   90.00
_cell.angle_gamma   90.00
#
_symmetry.space_group_name_H-M   'P 21 21 21'
#
loop_
_entity.id
_entity.type
_entity.pdbx_description
1 polymer 'Serine/threonine-protein kinase PAK 6'
2 non-polymer 'ISOPROPYL ALCOHOL'
3 non-polymer PF-3758309
4 water water
#
_entity_poly.entity_id   1
_entity_poly.type   'polypeptide(L)'
_entity_poly.pdbx_seq_one_letter_code
;GSVTHEQFKAALRMVVDQGDPRLLLDSYVKIGEGSTGIVCLAREKHSGRQVAVKMMDLRKQQRRELLFNEVVIMRDYQHF
NVVEMYKSYLVGEELWVLMEFLQGGALTDIVSQVRLNEEQIATVCEAVLQALAYLHAQGVIHRDIKSDSILLTLDGRVKL
SDFGFCAQISKDVPKRK(SEP)LVGTPYWMAPEVISRSLYATEVDIWSLGIMVIEMVDGEPPYFSDSPVQAMKRLRDSPP
PKLKNSHKVSPVLRDFLERMLVRDPQERATAQELLDHPFLLQTGLPECLVPLIQLY
;
_entity_poly.pdbx_strand_id   A
#
# COMPACT_ATOMS: atom_id res chain seq x y z
N THR A 4 0.06 21.87 -20.21
CA THR A 4 1.00 21.22 -21.17
C THR A 4 2.05 20.38 -20.43
N HIS A 5 2.70 19.47 -21.15
CA HIS A 5 3.75 18.62 -20.57
C HIS A 5 4.86 19.44 -19.84
N GLU A 6 5.39 20.48 -20.47
CA GLU A 6 6.50 21.23 -19.85
C GLU A 6 6.11 21.99 -18.59
N GLN A 7 4.86 22.47 -18.57
CA GLN A 7 4.29 23.16 -17.43
C GLN A 7 4.19 22.19 -16.25
N PHE A 8 3.73 20.98 -16.57
CA PHE A 8 3.55 19.96 -15.53
C PHE A 8 4.94 19.53 -15.03
N LYS A 9 5.86 19.32 -15.97
CA LYS A 9 7.24 18.95 -15.63
C LYS A 9 7.92 20.00 -14.69
N ALA A 10 7.72 21.28 -15.00
CA ALA A 10 8.29 22.32 -14.17
C ALA A 10 7.74 22.34 -12.73
N ALA A 11 6.44 22.06 -12.59
CA ALA A 11 5.78 21.91 -11.28
C ALA A 11 6.37 20.71 -10.55
N LEU A 12 6.54 19.58 -11.26
CA LEU A 12 7.05 18.38 -10.61
C LEU A 12 8.47 18.61 -10.14
N ARG A 13 9.19 19.39 -10.91
CA ARG A 13 10.55 19.72 -10.59
C ARG A 13 10.72 20.42 -9.23
N MET A 14 9.71 21.16 -8.79
CA MET A 14 9.77 21.86 -7.50
CA MET A 14 9.76 21.86 -7.49
C MET A 14 9.86 20.92 -6.29
N VAL A 15 9.46 19.66 -6.46
CA VAL A 15 9.44 18.72 -5.33
C VAL A 15 10.58 17.70 -5.28
N VAL A 16 11.39 17.66 -6.33
CA VAL A 16 12.45 16.66 -6.45
C VAL A 16 13.81 17.25 -6.12
N ASP A 17 14.79 16.40 -5.87
CA ASP A 17 16.16 16.86 -5.66
C ASP A 17 16.73 17.33 -6.97
N GLN A 18 17.62 18.32 -6.87
CA GLN A 18 18.07 19.02 -8.03
C GLN A 18 19.16 18.23 -8.73
N GLY A 19 19.24 18.38 -10.05
CA GLY A 19 20.33 17.83 -10.82
C GLY A 19 20.10 16.50 -11.51
N ASP A 20 21.13 16.09 -12.25
CA ASP A 20 21.16 14.85 -12.99
C ASP A 20 21.82 13.83 -12.08
N PRO A 21 21.11 12.74 -11.75
CA PRO A 21 21.70 11.77 -10.84
C PRO A 21 22.52 10.68 -11.55
N ARG A 22 22.49 10.65 -12.89
CA ARG A 22 23.05 9.54 -13.65
C ARG A 22 24.50 9.26 -13.30
N LEU A 23 25.31 10.29 -13.08
CA LEU A 23 26.71 10.00 -12.75
C LEU A 23 26.98 9.71 -11.27
N LEU A 24 25.93 9.72 -10.44
CA LEU A 24 26.11 9.38 -9.04
C LEU A 24 25.76 7.91 -8.78
N LEU A 25 25.27 7.24 -9.83
CA LEU A 25 24.87 5.83 -9.78
C LEU A 25 25.57 4.98 -10.84
N ASP A 26 25.85 3.73 -10.51
CA ASP A 26 26.22 2.76 -11.55
C ASP A 26 25.57 1.40 -11.32
N SER A 27 25.93 0.43 -12.14
CA SER A 27 25.51 -0.96 -11.93
C SER A 27 23.99 -1.13 -12.12
N TYR A 28 23.40 -0.32 -12.99
CA TYR A 28 21.95 -0.35 -13.19
C TYR A 28 21.51 -1.69 -13.74
N VAL A 29 20.63 -2.38 -13.03
CA VAL A 29 20.00 -3.58 -13.58
C VAL A 29 18.48 -3.60 -13.37
N LYS A 30 17.72 -3.82 -14.44
CA LYS A 30 16.25 -3.86 -14.32
C LYS A 30 15.83 -5.11 -13.57
N ILE A 31 15.03 -4.94 -12.52
CA ILE A 31 14.57 -6.11 -11.73
C ILE A 31 13.05 -6.32 -11.71
N GLY A 32 12.31 -5.34 -12.23
CA GLY A 32 10.88 -5.55 -12.40
C GLY A 32 10.18 -4.40 -13.05
N GLU A 33 8.90 -4.56 -13.23
CA GLU A 33 8.08 -3.52 -13.80
C GLU A 33 6.87 -3.36 -12.88
N GLY A 34 6.22 -2.20 -12.98
CA GLY A 34 5.01 -1.92 -12.21
C GLY A 34 4.10 -1.08 -13.06
N SER A 35 3.03 -0.57 -12.47
CA SER A 35 2.00 0.01 -13.32
C SER A 35 2.46 1.31 -14.00
N THR A 36 3.39 2.02 -13.38
CA THR A 36 3.76 3.34 -13.87
C THR A 36 5.12 3.36 -14.60
N GLY A 37 5.80 2.22 -14.67
CA GLY A 37 7.20 2.24 -15.10
C GLY A 37 7.96 1.00 -14.69
N ILE A 38 9.27 1.15 -14.48
CA ILE A 38 10.13 0.03 -14.12
C ILE A 38 10.85 0.28 -12.80
N VAL A 39 11.42 -0.78 -12.24
CA VAL A 39 12.29 -0.70 -11.08
C VAL A 39 13.67 -1.26 -11.48
N CYS A 40 14.71 -0.47 -11.27
CA CYS A 40 16.08 -0.95 -11.50
CA CYS A 40 16.10 -0.85 -11.53
C CYS A 40 16.83 -1.00 -10.19
N LEU A 41 17.70 -1.99 -10.02
CA LEU A 41 18.63 -1.93 -8.86
C LEU A 41 19.80 -1.11 -9.36
N ALA A 42 20.42 -0.32 -8.50
CA ALA A 42 21.65 0.41 -8.87
C ALA A 42 22.52 0.67 -7.65
N ARG A 43 23.77 1.10 -7.85
CA ARG A 43 24.70 1.33 -6.74
C ARG A 43 25.14 2.79 -6.64
N GLU A 44 25.07 3.37 -5.44
CA GLU A 44 25.46 4.77 -5.21
C GLU A 44 26.98 4.83 -5.16
N LYS A 45 27.61 5.45 -6.15
CA LYS A 45 29.09 5.55 -6.17
C LYS A 45 29.68 6.07 -4.86
N HIS A 46 29.17 7.22 -4.39
CA HIS A 46 29.71 7.86 -3.18
C HIS A 46 29.75 6.96 -1.94
N SER A 47 28.93 5.91 -1.91
CA SER A 47 28.73 5.12 -0.68
C SER A 47 28.78 3.62 -0.91
N GLY A 48 28.46 3.19 -2.13
CA GLY A 48 28.35 1.77 -2.44
C GLY A 48 27.01 1.17 -2.09
N ARG A 49 26.10 1.96 -1.51
CA ARG A 49 24.77 1.48 -1.09
C ARG A 49 23.90 1.10 -2.27
N GLN A 50 23.34 -0.11 -2.21
N GLN A 50 23.33 -0.10 -2.17
CA GLN A 50 22.46 -0.59 -3.27
CA GLN A 50 22.39 -0.63 -3.14
C GLN A 50 21.08 0.00 -3.03
C GLN A 50 21.09 0.12 -2.97
N VAL A 51 20.51 0.58 -4.08
CA VAL A 51 19.19 1.27 -4.02
C VAL A 51 18.27 0.73 -5.10
N ALA A 52 16.95 0.80 -4.82
CA ALA A 52 15.98 0.47 -5.83
C ALA A 52 15.56 1.79 -6.49
N VAL A 53 15.54 1.85 -7.81
CA VAL A 53 15.16 3.09 -8.47
C VAL A 53 13.91 2.90 -9.32
N LYS A 54 12.82 3.59 -8.95
CA LYS A 54 11.63 3.62 -9.76
C LYS A 54 11.76 4.63 -10.85
N MET A 55 11.46 4.24 -12.08
CA MET A 55 11.65 5.10 -13.24
C MET A 55 10.35 5.11 -14.00
N MET A 56 9.79 6.31 -14.18
CA MET A 56 8.43 6.46 -14.69
C MET A 56 8.38 7.62 -15.68
N ASP A 57 7.85 7.39 -16.89
CA ASP A 57 7.80 8.46 -17.88
C ASP A 57 6.60 9.41 -17.63
N LEU A 58 6.85 10.71 -17.61
CA LEU A 58 5.82 11.72 -17.32
C LEU A 58 4.73 11.79 -18.39
N ARG A 59 5.02 11.22 -19.57
CA ARG A 59 4.09 11.35 -20.74
C ARG A 59 3.20 10.13 -20.85
N LYS A 60 3.52 9.07 -20.12
CA LYS A 60 2.92 7.75 -20.40
C LYS A 60 2.05 7.24 -19.26
N GLN A 61 1.59 8.14 -18.41
CA GLN A 61 0.78 7.76 -17.30
C GLN A 61 -0.71 7.89 -17.58
N GLN A 62 -1.49 7.10 -16.85
CA GLN A 62 -2.93 7.23 -16.88
C GLN A 62 -3.37 8.57 -16.28
N ARG A 63 -2.83 8.91 -15.12
CA ARG A 63 -3.14 10.14 -14.41
C ARG A 63 -1.83 10.73 -13.86
N ARG A 64 -1.20 11.60 -14.66
CA ARG A 64 0.15 12.03 -14.36
C ARG A 64 0.24 12.81 -13.07
N GLU A 65 -0.84 13.45 -12.62
CA GLU A 65 -0.81 14.19 -11.33
C GLU A 65 -0.40 13.29 -10.13
N LEU A 66 -0.69 12.00 -10.26
CA LEU A 66 -0.40 11.04 -9.17
C LEU A 66 1.08 10.80 -9.07
N LEU A 67 1.87 11.20 -10.08
CA LEU A 67 3.33 11.18 -9.96
C LEU A 67 3.80 12.03 -8.77
N PHE A 68 3.12 13.15 -8.50
CA PHE A 68 3.55 13.90 -7.29
C PHE A 68 3.62 13.04 -6.01
N ASN A 69 2.69 12.09 -5.88
CA ASN A 69 2.64 11.13 -4.75
C ASN A 69 3.82 10.24 -4.60
N GLU A 70 4.50 9.93 -5.71
CA GLU A 70 5.68 9.12 -5.68
C GLU A 70 6.78 9.73 -4.85
N VAL A 71 6.76 11.09 -4.72
CA VAL A 71 7.82 11.84 -4.04
C VAL A 71 7.28 12.46 -2.78
N VAL A 72 6.14 13.11 -2.90
CA VAL A 72 5.70 14.03 -1.79
C VAL A 72 5.39 13.24 -0.56
N ILE A 73 4.69 12.10 -0.64
CA ILE A 73 4.36 11.32 0.53
C ILE A 73 5.54 10.84 1.30
N MET A 74 6.52 10.17 0.65
CA MET A 74 7.67 9.67 1.44
C MET A 74 8.64 10.82 1.81
N ARG A 75 8.57 11.93 1.06
CA ARG A 75 9.33 13.15 1.48
C ARG A 75 8.77 13.65 2.79
N ASP A 76 7.46 13.71 2.91
CA ASP A 76 6.85 14.31 4.06
C ASP A 76 6.75 13.39 5.26
N TYR A 77 6.55 12.09 5.02
CA TYR A 77 6.16 11.19 6.09
C TYR A 77 7.11 10.00 6.18
N GLN A 78 7.63 9.80 7.39
CA GLN A 78 8.56 8.71 7.73
C GLN A 78 7.95 7.97 8.89
N HIS A 79 8.16 6.65 8.87
CA HIS A 79 7.65 5.79 9.92
C HIS A 79 8.37 4.45 9.82
N PHE A 80 8.48 3.77 10.96
CA PHE A 80 9.16 2.45 11.04
C PHE A 80 8.60 1.42 10.05
N ASN A 81 7.30 1.56 9.80
CA ASN A 81 6.62 0.62 8.91
C ASN A 81 6.23 1.19 7.57
N VAL A 82 6.97 2.18 7.10
CA VAL A 82 6.74 2.83 5.78
C VAL A 82 8.08 2.81 5.03
N VAL A 83 8.06 2.39 3.78
CA VAL A 83 9.29 2.41 2.95
C VAL A 83 9.95 3.79 2.94
N GLU A 84 11.28 3.77 2.98
CA GLU A 84 12.13 4.97 2.93
C GLU A 84 12.47 5.36 1.50
N MET A 85 12.33 6.65 1.24
CA MET A 85 12.83 7.28 0.00
C MET A 85 14.11 8.06 0.31
N TYR A 86 15.11 7.84 -0.51
CA TYR A 86 16.40 8.53 -0.37
C TYR A 86 16.42 9.86 -1.10
N LYS A 87 16.17 9.82 -2.40
CA LYS A 87 16.21 11.01 -3.26
C LYS A 87 15.28 10.82 -4.43
N SER A 88 14.97 11.89 -5.15
CA SER A 88 14.18 11.81 -6.36
C SER A 88 14.69 12.83 -7.33
N TYR A 89 14.52 12.54 -8.61
CA TYR A 89 15.10 13.40 -9.65
C TYR A 89 14.22 13.39 -10.89
N LEU A 90 14.34 14.43 -11.72
CA LEU A 90 13.83 14.42 -13.10
C LEU A 90 14.97 14.20 -14.06
N VAL A 91 14.87 13.16 -14.89
CA VAL A 91 15.88 12.78 -15.88
C VAL A 91 15.20 12.65 -17.24
N GLY A 92 15.48 13.58 -18.14
CA GLY A 92 14.79 13.60 -19.41
C GLY A 92 13.29 13.76 -19.18
N GLU A 93 12.50 12.86 -19.74
CA GLU A 93 11.05 12.91 -19.55
C GLU A 93 10.61 11.99 -18.41
N GLU A 94 11.57 11.50 -17.61
CA GLU A 94 11.29 10.52 -16.52
C GLU A 94 11.47 11.05 -15.10
N LEU A 95 10.66 10.53 -14.20
CA LEU A 95 10.85 10.79 -12.77
C LEU A 95 11.55 9.55 -12.24
N TRP A 96 12.68 9.74 -11.57
CA TRP A 96 13.40 8.65 -10.90
C TRP A 96 13.27 8.81 -9.40
N VAL A 97 12.82 7.77 -8.70
CA VAL A 97 12.75 7.85 -7.23
C VAL A 97 13.61 6.76 -6.65
N LEU A 98 14.57 7.17 -5.81
CA LEU A 98 15.55 6.25 -5.22
C LEU A 98 15.05 5.82 -3.85
N MET A 99 14.82 4.51 -3.72
CA MET A 99 14.14 3.95 -2.54
CA MET A 99 14.12 3.94 -2.58
C MET A 99 14.99 2.91 -1.90
N GLU A 100 14.69 2.62 -0.64
CA GLU A 100 15.35 1.43 -0.09
C GLU A 100 14.96 0.13 -0.86
N PHE A 101 15.94 -0.74 -0.95
CA PHE A 101 15.77 -2.06 -1.52
C PHE A 101 15.39 -3.03 -0.41
N LEU A 102 14.17 -3.55 -0.48
CA LEU A 102 13.67 -4.53 0.49
C LEU A 102 13.73 -5.91 -0.14
N GLN A 103 14.64 -6.75 0.38
CA GLN A 103 14.92 -8.03 -0.25
C GLN A 103 13.99 -9.20 0.04
N GLY A 104 13.08 -9.04 1.01
CA GLY A 104 12.12 -10.09 1.38
C GLY A 104 10.93 -10.14 0.45
N GLY A 105 10.83 -9.17 -0.45
CA GLY A 105 9.79 -9.18 -1.48
C GLY A 105 8.45 -8.70 -0.92
N ALA A 106 7.41 -9.02 -1.68
CA ALA A 106 6.03 -8.62 -1.29
C ALA A 106 5.21 -9.72 -0.64
N LEU A 107 4.27 -9.29 0.21
CA LEU A 107 3.39 -10.25 0.87
C LEU A 107 2.59 -11.04 -0.13
N THR A 108 2.22 -10.42 -1.26
CA THR A 108 1.47 -11.15 -2.28
CA THR A 108 1.54 -11.15 -2.34
C THR A 108 2.17 -12.46 -2.73
N ASP A 109 3.49 -12.44 -2.74
CA ASP A 109 4.20 -13.61 -3.23
C ASP A 109 4.30 -14.72 -2.20
N ILE A 110 4.07 -14.39 -0.93
CA ILE A 110 3.91 -15.37 0.13
C ILE A 110 2.50 -15.93 0.15
N VAL A 111 1.50 -15.08 0.10
CA VAL A 111 0.12 -15.57 0.25
C VAL A 111 -0.38 -16.40 -0.94
N SER A 112 0.25 -16.23 -2.09
CA SER A 112 -0.05 -17.04 -3.28
C SER A 112 0.46 -18.47 -3.08
N GLN A 113 1.42 -18.66 -2.16
CA GLN A 113 2.03 -19.98 -1.91
C GLN A 113 1.40 -20.69 -0.73
N VAL A 114 1.22 -19.96 0.39
CA VAL A 114 0.86 -20.57 1.68
C VAL A 114 -0.13 -19.68 2.43
N ARG A 115 -0.88 -20.26 3.37
CA ARG A 115 -1.70 -19.48 4.29
C ARG A 115 -0.85 -19.12 5.50
N LEU A 116 -1.04 -17.89 5.96
CA LEU A 116 -0.35 -17.48 7.17
C LEU A 116 -1.07 -18.05 8.37
N ASN A 117 -0.32 -18.32 9.44
CA ASN A 117 -0.99 -18.61 10.72
C ASN A 117 -1.49 -17.32 11.42
N GLU A 118 -2.26 -17.39 12.48
CA GLU A 118 -2.80 -16.21 13.13
C GLU A 118 -1.75 -15.32 13.75
N GLU A 119 -0.67 -15.89 14.27
CA GLU A 119 0.36 -15.04 14.89
C GLU A 119 0.99 -14.21 13.75
N GLN A 120 1.21 -14.78 12.58
CA GLN A 120 1.81 -14.11 11.42
C GLN A 120 0.84 -13.04 10.92
N ILE A 121 -0.47 -13.36 10.86
CA ILE A 121 -1.46 -12.36 10.44
C ILE A 121 -1.45 -11.19 11.39
N ALA A 122 -1.40 -11.42 12.71
CA ALA A 122 -1.44 -10.35 13.67
C ALA A 122 -0.15 -9.52 13.49
N THR A 123 0.99 -10.18 13.23
CA THR A 123 2.27 -9.40 13.07
C THR A 123 2.15 -8.46 11.90
N VAL A 124 1.62 -8.94 10.77
CA VAL A 124 1.47 -8.07 9.59
C VAL A 124 0.47 -6.97 9.88
N CYS A 125 -0.69 -7.30 10.45
CA CYS A 125 -1.70 -6.30 10.71
C CYS A 125 -1.26 -5.23 11.67
N GLU A 126 -0.55 -5.61 12.73
CA GLU A 126 -0.07 -4.60 13.68
CA GLU A 126 0.00 -4.65 13.70
C GLU A 126 0.86 -3.61 12.95
N ALA A 127 1.77 -4.10 12.11
CA ALA A 127 2.71 -3.19 11.41
C ALA A 127 1.93 -2.27 10.48
N VAL A 128 1.00 -2.82 9.70
CA VAL A 128 0.24 -2.01 8.74
C VAL A 128 -0.63 -1.00 9.48
N LEU A 129 -1.27 -1.41 10.57
CA LEU A 129 -2.09 -0.51 11.37
C LEU A 129 -1.29 0.61 12.03
N GLN A 130 -0.06 0.33 12.45
CA GLN A 130 0.75 1.43 13.01
C GLN A 130 1.04 2.42 11.92
N ALA A 131 1.38 1.97 10.72
CA ALA A 131 1.61 2.92 9.61
C ALA A 131 0.35 3.68 9.27
N LEU A 132 -0.81 2.98 9.21
CA LEU A 132 -2.06 3.65 8.85
C LEU A 132 -2.49 4.62 9.94
N ALA A 133 -2.37 4.25 11.20
CA ALA A 133 -2.78 5.17 12.27
C ALA A 133 -1.98 6.48 12.11
N TYR A 134 -0.69 6.34 11.85
CA TYR A 134 0.19 7.53 11.69
C TYR A 134 -0.21 8.30 10.47
N LEU A 135 -0.35 7.67 9.29
CA LEU A 135 -0.72 8.37 8.08
C LEU A 135 -2.08 9.00 8.18
N HIS A 136 -3.09 8.25 8.67
CA HIS A 136 -4.45 8.82 8.81
C HIS A 136 -4.49 10.06 9.71
N ALA A 137 -3.69 10.05 10.78
CA ALA A 137 -3.61 11.23 11.66
C ALA A 137 -3.13 12.46 10.90
N GLN A 138 -2.39 12.26 9.82
CA GLN A 138 -1.85 13.39 9.02
C GLN A 138 -2.73 13.72 7.81
N GLY A 139 -3.91 13.08 7.69
CA GLY A 139 -4.78 13.31 6.57
C GLY A 139 -4.41 12.58 5.32
N VAL A 140 -3.58 11.54 5.43
CA VAL A 140 -3.22 10.75 4.22
C VAL A 140 -4.11 9.50 4.13
N ILE A 141 -4.79 9.38 3.00
CA ILE A 141 -5.55 8.13 2.66
C ILE A 141 -4.67 7.38 1.67
N HIS A 142 -4.30 6.12 1.92
CA HIS A 142 -3.44 5.39 1.02
C HIS A 142 -4.12 5.00 -0.29
N ARG A 143 -5.31 4.38 -0.16
CA ARG A 143 -6.20 4.00 -1.25
C ARG A 143 -5.80 2.77 -2.06
N ASP A 144 -4.62 2.17 -1.75
CA ASP A 144 -4.24 0.96 -2.48
C ASP A 144 -3.67 -0.07 -1.48
N ILE A 145 -4.35 -0.27 -0.32
CA ILE A 145 -3.88 -1.30 0.60
C ILE A 145 -4.24 -2.66 0.00
N LYS A 146 -3.25 -3.55 -0.13
CA LYS A 146 -3.40 -4.95 -0.63
C LYS A 146 -2.06 -5.62 -0.40
N SER A 147 -2.02 -6.94 -0.49
CA SER A 147 -0.75 -7.62 -0.15
C SER A 147 0.42 -7.19 -1.03
N ASP A 148 0.13 -6.75 -2.27
CA ASP A 148 1.18 -6.29 -3.15
C ASP A 148 1.88 -5.07 -2.63
N SER A 149 1.23 -4.28 -1.79
CA SER A 149 1.73 -3.02 -1.26
C SER A 149 2.57 -3.23 -0.02
N ILE A 150 2.66 -4.47 0.47
CA ILE A 150 3.37 -4.73 1.68
C ILE A 150 4.68 -5.46 1.35
N LEU A 151 5.77 -4.79 1.68
CA LEU A 151 7.12 -5.33 1.42
C LEU A 151 7.80 -5.76 2.70
N LEU A 152 8.69 -6.73 2.55
CA LEU A 152 9.39 -7.30 3.70
C LEU A 152 10.91 -7.13 3.57
N THR A 153 11.50 -6.78 4.69
CA THR A 153 12.97 -6.98 4.82
C THR A 153 13.34 -8.45 5.05
N LEU A 154 14.64 -8.76 4.94
CA LEU A 154 15.10 -10.15 5.18
C LEU A 154 14.90 -10.64 6.58
N ASP A 155 14.79 -9.73 7.54
CA ASP A 155 14.51 -10.15 8.92
C ASP A 155 13.06 -10.03 9.31
N GLY A 156 12.18 -9.92 8.31
CA GLY A 156 10.71 -9.97 8.55
C GLY A 156 10.03 -8.68 8.98
N ARG A 157 10.70 -7.54 8.85
CA ARG A 157 10.07 -6.24 9.10
C ARG A 157 9.14 -5.90 7.94
N VAL A 158 7.95 -5.43 8.31
CA VAL A 158 6.87 -5.16 7.35
C VAL A 158 6.84 -3.67 7.03
N LYS A 159 6.88 -3.32 5.74
CA LYS A 159 6.83 -1.90 5.35
C LYS A 159 5.74 -1.69 4.28
N LEU A 160 4.93 -0.68 4.51
CA LEU A 160 3.91 -0.23 3.55
C LEU A 160 4.55 0.56 2.39
N SER A 161 4.20 0.24 1.15
CA SER A 161 4.76 0.88 -0.04
C SER A 161 3.65 1.33 -1.00
N ASP A 162 3.98 1.63 -2.26
CA ASP A 162 3.01 1.92 -3.31
C ASP A 162 2.09 3.09 -3.03
N PHE A 163 2.67 4.25 -2.81
CA PHE A 163 1.93 5.51 -2.44
C PHE A 163 1.36 6.33 -3.61
N GLY A 164 1.39 5.75 -4.81
CA GLY A 164 0.94 6.52 -5.99
C GLY A 164 -0.51 6.94 -5.92
N PHE A 165 -1.38 6.09 -5.36
CA PHE A 165 -2.81 6.43 -5.30
C PHE A 165 -3.19 7.31 -4.10
N CYS A 166 -2.26 7.75 -3.24
CA CYS A 166 -2.56 8.52 -2.04
CA CYS A 166 -2.65 8.45 -2.04
C CYS A 166 -3.36 9.77 -2.28
N ALA A 167 -4.11 10.19 -1.29
CA ALA A 167 -4.80 11.48 -1.25
C ALA A 167 -4.31 12.07 0.04
N GLN A 168 -3.95 13.33 -0.01
CA GLN A 168 -3.75 14.18 1.21
C GLN A 168 -5.00 15.03 1.33
N ILE A 169 -5.84 14.75 2.35
CA ILE A 169 -7.06 15.53 2.60
CA ILE A 169 -7.03 15.57 2.52
C ILE A 169 -6.68 16.78 3.37
N SER A 170 -7.57 17.76 3.39
CA SER A 170 -7.22 19.03 4.05
C SER A 170 -8.49 19.65 4.55
N LYS A 171 -8.34 20.75 5.28
CA LYS A 171 -9.52 21.42 5.82
C LYS A 171 -10.50 21.93 4.75
N ASP A 172 -10.03 22.30 3.56
CA ASP A 172 -10.96 22.78 2.55
C ASP A 172 -11.58 21.65 1.72
N VAL A 173 -10.83 20.54 1.59
CA VAL A 173 -11.30 19.38 0.81
C VAL A 173 -11.06 18.14 1.70
N PRO A 174 -11.96 17.93 2.68
CA PRO A 174 -11.67 16.94 3.71
C PRO A 174 -12.03 15.52 3.25
N LYS A 175 -12.65 15.44 2.08
CA LYS A 175 -13.07 14.14 1.52
C LYS A 175 -12.85 14.06 0.04
N ARG A 176 -12.64 12.85 -0.47
CA ARG A 176 -12.55 12.61 -1.90
C ARG A 176 -13.74 11.77 -2.37
N LYS A 177 -14.01 11.79 -3.68
CA LYS A 177 -15.05 10.93 -4.24
C LYS A 177 -14.61 10.23 -5.51
N LEU A 179 -12.84 7.56 -8.05
CA LEU A 179 -12.77 6.11 -8.17
C LEU A 179 -11.30 5.76 -8.30
N VAL A 180 -10.70 5.46 -7.17
CA VAL A 180 -9.30 5.21 -7.11
C VAL A 180 -9.04 4.00 -6.21
N GLY A 181 -8.24 3.09 -6.72
CA GLY A 181 -7.81 1.86 -6.01
C GLY A 181 -7.62 0.69 -6.91
N THR A 182 -7.54 -0.53 -6.36
CA THR A 182 -7.49 -1.76 -7.09
C THR A 182 -8.82 -2.48 -6.87
N PRO A 183 -9.59 -2.80 -7.95
CA PRO A 183 -10.99 -3.24 -7.84
C PRO A 183 -11.35 -4.15 -6.66
N TYR A 184 -10.72 -5.31 -6.51
CA TYR A 184 -11.18 -6.28 -5.48
C TYR A 184 -11.02 -5.76 -4.05
N TRP A 185 -10.18 -4.76 -3.82
CA TRP A 185 -9.91 -4.21 -2.52
C TRP A 185 -10.59 -2.90 -2.22
N MET A 186 -11.37 -2.37 -3.18
CA MET A 186 -11.97 -1.05 -3.00
CA MET A 186 -11.93 -1.04 -2.98
C MET A 186 -13.17 -1.07 -2.08
N ALA A 187 -13.26 -0.09 -1.19
CA ALA A 187 -14.39 0.00 -0.30
C ALA A 187 -15.68 0.33 -1.09
N PRO A 188 -16.85 -0.10 -0.61
CA PRO A 188 -18.10 0.18 -1.36
C PRO A 188 -18.32 1.67 -1.61
N GLU A 189 -17.94 2.54 -0.68
CA GLU A 189 -18.19 3.98 -0.87
C GLU A 189 -17.28 4.52 -1.97
N VAL A 190 -16.09 3.95 -2.20
CA VAL A 190 -15.26 4.37 -3.30
C VAL A 190 -15.90 3.95 -4.64
N ILE A 191 -16.34 2.71 -4.74
CA ILE A 191 -16.95 2.18 -5.95
C ILE A 191 -18.20 3.00 -6.29
N SER A 192 -18.93 3.43 -5.27
N SER A 192 -18.94 3.46 -5.29
CA SER A 192 -20.15 4.25 -5.44
CA SER A 192 -20.16 4.27 -5.54
C SER A 192 -19.87 5.69 -5.82
C SER A 192 -19.89 5.76 -5.63
N ARG A 193 -18.62 6.14 -5.69
CA ARG A 193 -18.21 7.57 -5.89
C ARG A 193 -18.91 8.47 -4.92
N SER A 194 -19.01 8.03 -3.68
CA SER A 194 -19.48 8.79 -2.54
C SER A 194 -18.32 9.51 -1.91
N LEU A 195 -18.60 10.55 -1.12
CA LEU A 195 -17.51 11.24 -0.47
C LEU A 195 -16.97 10.32 0.64
N TYR A 196 -15.64 10.23 0.72
CA TYR A 196 -14.98 9.28 1.65
C TYR A 196 -13.68 9.88 2.19
N ALA A 197 -13.18 9.28 3.25
CA ALA A 197 -11.91 9.71 3.84
C ALA A 197 -11.07 8.47 4.22
N THR A 198 -10.43 8.50 5.38
CA THR A 198 -9.45 7.44 5.73
C THR A 198 -10.08 6.05 5.90
N GLU A 199 -11.38 5.98 6.14
CA GLU A 199 -12.02 4.72 6.51
C GLU A 199 -11.82 3.72 5.36
N VAL A 200 -11.63 4.16 4.13
CA VAL A 200 -11.59 3.23 2.99
C VAL A 200 -10.41 2.30 3.16
N ASP A 201 -9.30 2.75 3.78
CA ASP A 201 -8.13 1.91 3.94
C ASP A 201 -8.41 0.78 4.91
N ILE A 202 -9.34 0.97 5.88
CA ILE A 202 -9.67 -0.15 6.83
C ILE A 202 -10.41 -1.26 6.09
N TRP A 203 -11.32 -0.88 5.19
CA TRP A 203 -12.03 -1.92 4.40
C TRP A 203 -10.98 -2.65 3.58
N SER A 204 -10.06 -1.97 2.87
CA SER A 204 -9.08 -2.63 2.04
C SER A 204 -8.17 -3.54 2.90
N LEU A 205 -7.84 -3.13 4.11
CA LEU A 205 -7.06 -4.00 4.99
C LEU A 205 -7.86 -5.27 5.31
N GLY A 206 -9.14 -5.15 5.53
CA GLY A 206 -9.94 -6.36 5.81
C GLY A 206 -9.88 -7.29 4.61
N ILE A 207 -9.94 -6.77 3.37
CA ILE A 207 -9.77 -7.62 2.18
C ILE A 207 -8.39 -8.27 2.18
N MET A 208 -7.34 -7.53 2.56
CA MET A 208 -6.02 -8.14 2.70
C MET A 208 -5.99 -9.22 3.78
N VAL A 209 -6.71 -9.08 4.90
CA VAL A 209 -6.81 -10.20 5.87
C VAL A 209 -7.43 -11.41 5.18
N ILE A 210 -8.50 -11.22 4.37
CA ILE A 210 -9.06 -12.34 3.57
C ILE A 210 -7.99 -12.93 2.67
N GLU A 211 -7.13 -12.13 2.03
CA GLU A 211 -6.02 -12.71 1.23
C GLU A 211 -5.15 -13.58 2.10
N MET A 212 -4.83 -13.13 3.31
CA MET A 212 -3.85 -13.89 4.17
C MET A 212 -4.48 -15.21 4.65
N VAL A 213 -5.78 -15.26 4.87
CA VAL A 213 -6.48 -16.51 5.31
C VAL A 213 -6.82 -17.40 4.14
N ASP A 214 -7.29 -16.84 3.02
CA ASP A 214 -7.89 -17.65 1.94
C ASP A 214 -6.94 -17.77 0.76
N GLY A 215 -5.99 -16.87 0.58
CA GLY A 215 -5.09 -16.93 -0.54
C GLY A 215 -5.42 -15.94 -1.64
N GLU A 216 -6.64 -15.41 -1.59
CA GLU A 216 -7.11 -14.49 -2.63
C GLU A 216 -8.22 -13.64 -2.04
N PRO A 217 -8.47 -12.45 -2.64
CA PRO A 217 -9.57 -11.62 -2.14
C PRO A 217 -10.91 -12.19 -2.57
N PRO A 218 -12.01 -11.72 -2.03
CA PRO A 218 -13.36 -12.11 -2.53
C PRO A 218 -13.51 -11.82 -4.03
N TYR A 219 -14.29 -12.69 -4.68
CA TYR A 219 -14.75 -12.46 -6.02
C TYR A 219 -13.62 -12.52 -7.05
N PHE A 220 -12.49 -13.14 -6.69
CA PHE A 220 -11.31 -13.09 -7.54
C PHE A 220 -11.49 -13.86 -8.85
N SER A 221 -12.48 -14.75 -8.88
CA SER A 221 -12.80 -15.41 -10.15
C SER A 221 -13.64 -14.56 -11.10
N ASP A 222 -14.18 -13.46 -10.61
CA ASP A 222 -14.90 -12.50 -11.45
C ASP A 222 -13.92 -11.52 -12.10
N SER A 223 -14.34 -10.88 -13.19
CA SER A 223 -13.61 -9.75 -13.72
C SER A 223 -13.66 -8.59 -12.73
N PRO A 224 -12.75 -7.61 -12.85
CA PRO A 224 -12.68 -6.54 -11.87
C PRO A 224 -13.97 -5.75 -11.76
N VAL A 225 -14.61 -5.39 -12.88
CA VAL A 225 -15.87 -4.63 -12.83
C VAL A 225 -16.95 -5.48 -12.19
N GLN A 226 -17.05 -6.75 -12.53
CA GLN A 226 -18.10 -7.59 -11.94
C GLN A 226 -17.88 -7.69 -10.41
N ALA A 227 -16.65 -7.84 -9.97
CA ALA A 227 -16.34 -7.86 -8.51
C ALA A 227 -16.73 -6.55 -7.87
N MET A 228 -16.44 -5.42 -8.52
CA MET A 228 -16.86 -4.13 -7.99
C MET A 228 -18.36 -3.99 -7.87
N LYS A 229 -19.11 -4.48 -8.85
CA LYS A 229 -20.60 -4.45 -8.73
C LYS A 229 -21.07 -5.27 -7.52
N ARG A 230 -20.45 -6.43 -7.27
N ARG A 230 -20.49 -6.45 -7.31
CA ARG A 230 -20.80 -7.28 -6.14
CA ARG A 230 -20.88 -7.23 -6.15
C ARG A 230 -20.42 -6.66 -4.80
C ARG A 230 -20.52 -6.45 -4.88
N LEU A 231 -19.29 -5.98 -4.78
CA LEU A 231 -18.88 -5.24 -3.55
C LEU A 231 -19.76 -4.06 -3.27
N ARG A 232 -20.19 -3.36 -4.32
CA ARG A 232 -21.04 -2.21 -4.15
CA ARG A 232 -21.05 -2.19 -4.13
C ARG A 232 -22.40 -2.58 -3.57
N ASP A 233 -22.99 -3.66 -4.08
CA ASP A 233 -24.45 -3.86 -3.84
C ASP A 233 -24.71 -5.00 -2.88
N SER A 234 -23.75 -5.88 -2.69
CA SER A 234 -24.04 -7.12 -2.03
C SER A 234 -23.69 -6.94 -0.54
N PRO A 235 -24.29 -7.84 0.27
CA PRO A 235 -23.83 -7.87 1.60
C PRO A 235 -22.27 -8.08 1.69
N PRO A 236 -21.65 -7.64 2.79
CA PRO A 236 -20.14 -7.70 2.96
C PRO A 236 -19.57 -9.10 2.72
N PRO A 237 -18.37 -9.17 2.12
CA PRO A 237 -17.86 -10.50 1.73
C PRO A 237 -17.36 -11.27 2.92
N LYS A 238 -17.35 -12.59 2.82
CA LYS A 238 -16.88 -13.35 3.95
C LYS A 238 -15.64 -14.16 3.58
N LEU A 239 -14.97 -14.62 4.64
CA LEU A 239 -13.93 -15.63 4.48
C LEU A 239 -14.53 -16.85 3.86
N LYS A 240 -13.82 -17.50 2.97
CA LYS A 240 -14.17 -18.88 2.51
C LYS A 240 -13.86 -19.79 3.67
N ASN A 241 -12.67 -19.58 4.24
CA ASN A 241 -12.18 -20.42 5.35
C ASN A 241 -12.62 -19.88 6.70
N SER A 242 -13.89 -19.43 6.83
CA SER A 242 -14.34 -18.82 8.08
C SER A 242 -14.29 -19.82 9.23
N HIS A 243 -14.46 -21.09 8.86
CA HIS A 243 -14.44 -22.19 9.83
C HIS A 243 -13.06 -22.37 10.47
N LYS A 244 -12.04 -21.86 9.81
CA LYS A 244 -10.68 -22.11 10.23
C LYS A 244 -10.16 -21.10 11.27
N VAL A 245 -10.79 -19.93 11.41
CA VAL A 245 -10.19 -18.85 12.23
C VAL A 245 -10.76 -18.72 13.65
N SER A 246 -9.95 -18.22 14.58
CA SER A 246 -10.41 -18.01 15.93
C SER A 246 -11.60 -17.02 16.03
N PRO A 247 -12.44 -17.13 17.04
CA PRO A 247 -13.49 -16.11 17.27
C PRO A 247 -12.93 -14.69 17.38
N VAL A 248 -11.78 -14.55 17.98
CA VAL A 248 -11.13 -13.25 18.09
C VAL A 248 -10.69 -12.68 16.76
N LEU A 249 -10.10 -13.48 15.88
CA LEU A 249 -9.79 -13.03 14.51
C LEU A 249 -11.10 -12.71 13.75
N ARG A 250 -12.12 -13.56 13.88
CA ARG A 250 -13.35 -13.29 13.15
CA ARG A 250 -13.40 -13.30 13.22
C ARG A 250 -13.91 -11.92 13.59
N ASP A 251 -13.85 -11.58 14.88
CA ASP A 251 -14.38 -10.33 15.38
C ASP A 251 -13.52 -9.15 14.81
N PHE A 252 -12.21 -9.30 14.81
CA PHE A 252 -11.28 -8.32 14.23
C PHE A 252 -11.68 -8.02 12.80
N LEU A 253 -11.87 -9.04 11.96
CA LEU A 253 -12.22 -8.85 10.57
C LEU A 253 -13.64 -8.27 10.41
N GLU A 254 -14.60 -8.74 11.21
CA GLU A 254 -15.94 -8.17 11.17
C GLU A 254 -15.97 -6.69 11.40
N ARG A 255 -15.03 -6.17 12.17
CA ARG A 255 -15.04 -4.72 12.53
C ARG A 255 -14.41 -3.91 11.39
N MET A 256 -13.72 -4.55 10.45
CA MET A 256 -13.14 -3.85 9.32
C MET A 256 -14.07 -3.86 8.13
N LEU A 257 -14.71 -4.99 7.85
CA LEU A 257 -15.54 -5.15 6.67
C LEU A 257 -16.99 -4.75 6.97
N VAL A 258 -17.10 -3.51 7.42
CA VAL A 258 -18.40 -2.91 7.78
C VAL A 258 -18.76 -1.90 6.69
N ARG A 259 -19.98 -1.98 6.16
CA ARG A 259 -20.37 -1.09 5.07
C ARG A 259 -20.46 0.39 5.53
N ASP A 260 -21.08 0.65 6.68
CA ASP A 260 -21.21 2.02 7.17
C ASP A 260 -19.76 2.54 7.49
N PRO A 261 -19.32 3.60 6.78
CA PRO A 261 -17.93 3.99 7.02
C PRO A 261 -17.74 4.56 8.40
N GLN A 262 -18.78 5.08 9.03
CA GLN A 262 -18.58 5.61 10.38
C GLN A 262 -18.47 4.51 11.44
N GLU A 263 -19.30 3.45 11.29
CA GLU A 263 -19.27 2.36 12.23
CA GLU A 263 -19.27 2.35 12.22
C GLU A 263 -18.01 1.48 12.08
N ARG A 264 -17.46 1.48 10.86
CA ARG A 264 -16.20 0.74 10.58
C ARG A 264 -15.14 1.15 11.57
N ALA A 265 -14.33 0.22 12.05
CA ALA A 265 -13.28 0.60 12.99
C ALA A 265 -12.23 1.52 12.42
N THR A 266 -11.73 2.44 13.22
CA THR A 266 -10.57 3.19 12.83
C THR A 266 -9.30 2.41 13.05
N ALA A 267 -8.18 2.87 12.48
CA ALA A 267 -6.91 2.20 12.76
C ALA A 267 -6.55 2.20 14.27
N GLN A 268 -6.77 3.32 14.93
CA GLN A 268 -6.54 3.40 16.37
C GLN A 268 -7.40 2.42 17.15
N GLU A 269 -8.69 2.29 16.83
CA GLU A 269 -9.55 1.31 17.46
C GLU A 269 -8.99 -0.10 17.26
N LEU A 270 -8.59 -0.45 16.02
CA LEU A 270 -8.07 -1.79 15.77
C LEU A 270 -6.77 -2.08 16.47
N LEU A 271 -5.92 -1.07 16.68
CA LEU A 271 -4.68 -1.35 17.40
C LEU A 271 -4.95 -1.83 18.83
N ASP A 272 -6.09 -1.45 19.37
CA ASP A 272 -6.50 -1.83 20.73
C ASP A 272 -7.33 -3.12 20.78
N HIS A 273 -7.52 -3.77 19.64
CA HIS A 273 -8.28 -5.03 19.62
C HIS A 273 -7.53 -6.20 20.22
N PRO A 274 -8.24 -7.11 20.94
CA PRO A 274 -7.53 -8.24 21.53
C PRO A 274 -6.80 -9.14 20.54
N PHE A 275 -7.18 -9.17 19.25
CA PHE A 275 -6.45 -9.99 18.31
C PHE A 275 -4.96 -9.62 18.27
N LEU A 276 -4.67 -8.30 18.44
CA LEU A 276 -3.30 -7.88 18.35
C LEU A 276 -2.47 -8.14 19.64
N LEU A 277 -3.11 -8.63 20.68
CA LEU A 277 -2.38 -9.15 21.86
C LEU A 277 -1.50 -10.34 21.52
N GLN A 278 -1.73 -10.99 20.42
CA GLN A 278 -0.85 -12.12 20.14
C GLN A 278 -0.02 -11.93 18.87
N THR A 279 0.26 -10.67 18.60
CA THR A 279 1.24 -10.35 17.56
CA THR A 279 1.20 -10.35 17.55
C THR A 279 2.56 -10.98 17.89
N GLY A 280 3.32 -11.37 16.87
CA GLY A 280 4.62 -11.95 17.09
C GLY A 280 5.75 -10.96 16.84
N LEU A 281 6.96 -11.48 16.99
CA LEU A 281 8.18 -10.76 16.62
C LEU A 281 8.36 -10.84 15.11
N PRO A 282 9.10 -9.88 14.52
CA PRO A 282 9.41 -9.94 13.10
C PRO A 282 9.94 -11.32 12.66
N GLU A 283 10.70 -11.96 13.54
CA GLU A 283 11.27 -13.29 13.26
C GLU A 283 10.20 -14.28 12.83
N CYS A 284 8.99 -14.08 13.33
CA CYS A 284 7.92 -15.05 13.06
C CYS A 284 7.54 -15.05 11.59
N LEU A 285 7.87 -13.98 10.84
CA LEU A 285 7.60 -13.99 9.38
C LEU A 285 8.72 -14.54 8.51
N VAL A 286 9.91 -14.68 9.10
CA VAL A 286 11.10 -15.08 8.37
C VAL A 286 10.97 -16.47 7.71
N PRO A 287 10.28 -17.43 8.38
CA PRO A 287 10.02 -18.70 7.71
C PRO A 287 9.25 -18.54 6.39
N LEU A 288 8.50 -17.43 6.23
CA LEU A 288 7.75 -17.18 4.98
C LEU A 288 8.60 -16.65 3.83
N ILE A 289 9.82 -16.19 4.12
CA ILE A 289 10.70 -15.50 3.14
C ILE A 289 11.89 -16.38 2.65
N GLN A 290 12.26 -17.40 3.44
CA GLN A 290 13.46 -18.20 3.16
C GLN A 290 13.21 -19.18 2.01
#